data_9FGP
#
_entry.id   9FGP
#
_cell.length_a   31.756
_cell.length_b   34.449
_cell.length_c   58.984
_cell.angle_alpha   91.354
_cell.angle_beta   100.003
_cell.angle_gamma   90.09
#
_symmetry.space_group_name_H-M   'P 1'
#
loop_
_entity.id
_entity.type
_entity.pdbx_description
1 polymer 'Cilia- and flagella-associated protein 299'
2 non-polymer 'ZINC ION'
3 water water
#
_entity_poly.entity_id   1
_entity_poly.type   'polypeptide(L)'
_entity_poly.pdbx_seq_one_letter_code
;SMDNFLTALAMREEDNRSGKLSSVIFIRDRNSHGQEISGYIDYAHRLKTEDFEVYFTGKKRLLPRPTDISFYNWDADIAV
SNSSPNYQVIADNPEGLLFRYKRDRKILNVDPKAQPGDNSTRITILTELYVQAVIFDHIS
;
_entity_poly.pdbx_strand_id   A,B
#
loop_
_chem_comp.id
_chem_comp.type
_chem_comp.name
_chem_comp.formula
ZN non-polymer 'ZINC ION' 'Zn 2'
#
# COMPACT_ATOMS: atom_id res chain seq x y z
N SER A 1 5.60 -3.41 -9.88
CA SER A 1 5.07 -3.60 -8.50
C SER A 1 5.22 -2.32 -7.71
N MET A 2 4.73 -2.31 -6.46
CA MET A 2 4.74 -1.10 -5.65
C MET A 2 6.04 -0.97 -4.88
N ASP A 3 6.69 0.19 -5.03
CA ASP A 3 7.81 0.52 -4.21
C ASP A 3 7.29 1.46 -3.15
N ASN A 4 8.21 2.19 -2.50
CA ASN A 4 7.79 3.02 -1.39
C ASN A 4 6.69 3.99 -1.84
N PHE A 5 6.73 4.45 -3.12
CA PHE A 5 5.82 5.52 -3.49
C PHE A 5 4.36 5.06 -3.50
N LEU A 6 4.09 3.99 -4.25
CA LEU A 6 2.70 3.54 -4.31
C LEU A 6 2.23 3.02 -2.96
N THR A 7 3.13 2.40 -2.19
CA THR A 7 2.73 1.98 -0.85
C THR A 7 2.31 3.17 -0.01
N ALA A 8 3.12 4.24 -0.06
CA ALA A 8 2.76 5.46 0.67
C ALA A 8 1.38 5.97 0.28
N LEU A 9 1.07 5.96 -1.02
CA LEU A 9 -0.24 6.42 -1.44
C LEU A 9 -1.32 5.45 -0.99
N ALA A 10 -1.05 4.14 -1.07
CA ALA A 10 -2.07 3.17 -0.69
C ALA A 10 -2.41 3.29 0.80
N MET A 11 -1.39 3.58 1.63
N MET A 11 -1.39 3.59 1.62
CA MET A 11 -1.52 3.73 3.07
CA MET A 11 -1.57 3.71 3.06
C MET A 11 -2.41 4.93 3.43
C MET A 11 -2.42 4.94 3.43
N ARG A 12 -2.48 5.90 2.51
CA ARG A 12 -3.14 7.18 2.76
C ARG A 12 -4.48 7.28 2.05
N GLU A 13 -4.84 6.28 1.25
CA GLU A 13 -6.01 6.33 0.37
C GLU A 13 -7.29 6.52 1.18
N GLU A 14 -7.52 5.65 2.19
CA GLU A 14 -8.79 5.64 2.93
C GLU A 14 -9.00 7.00 3.58
N ASP A 15 -7.96 7.51 4.23
CA ASP A 15 -8.13 8.71 5.04
C ASP A 15 -8.24 9.93 4.12
N ASN A 16 -7.56 9.93 2.96
CA ASN A 16 -7.79 11.00 2.00
C ASN A 16 -9.24 11.00 1.52
N ARG A 17 -9.79 9.83 1.19
CA ARG A 17 -11.14 9.79 0.66
C ARG A 17 -12.14 10.32 1.66
N SER A 18 -11.96 9.93 2.93
CA SER A 18 -12.92 10.24 3.98
C SER A 18 -12.76 11.67 4.51
N GLY A 19 -11.64 12.31 4.24
CA GLY A 19 -11.40 13.67 4.72
C GLY A 19 -10.65 13.74 6.06
N LYS A 20 -10.25 12.59 6.62
CA LYS A 20 -9.50 12.59 7.86
C LYS A 20 -8.09 13.12 7.66
N LEU A 21 -7.58 12.93 6.43
CA LEU A 21 -6.25 13.38 6.02
C LEU A 21 -6.37 14.04 4.65
N SER A 22 -5.56 15.08 4.41
CA SER A 22 -5.49 15.64 3.09
C SER A 22 -4.02 15.72 2.69
N SER A 23 -3.65 15.00 1.63
CA SER A 23 -2.25 14.89 1.25
C SER A 23 -2.04 15.72 -0.02
N VAL A 24 -0.90 16.38 -0.09
CA VAL A 24 -0.45 17.01 -1.33
C VAL A 24 0.81 16.27 -1.77
N ILE A 25 0.83 15.79 -3.02
N ILE A 25 0.82 15.82 -3.03
CA ILE A 25 1.95 15.04 -3.55
CA ILE A 25 1.95 15.05 -3.54
C ILE A 25 2.77 15.97 -4.44
C ILE A 25 2.77 15.97 -4.44
N PHE A 26 4.03 16.18 -4.08
CA PHE A 26 4.96 16.86 -4.95
C PHE A 26 5.77 15.83 -5.74
N ILE A 27 5.76 15.98 -7.07
CA ILE A 27 6.62 15.16 -7.92
C ILE A 27 7.43 16.09 -8.83
N ARG A 28 8.73 15.80 -8.93
CA ARG A 28 9.59 16.38 -9.95
C ARG A 28 10.09 15.21 -10.78
N ASP A 29 9.88 15.29 -12.11
CA ASP A 29 10.24 14.19 -12.98
C ASP A 29 10.37 14.70 -14.41
N ARG A 30 9.96 13.88 -15.38
CA ARG A 30 9.94 14.37 -16.75
C ARG A 30 8.65 13.94 -17.42
N ASN A 31 8.24 14.69 -18.45
CA ASN A 31 7.16 14.21 -19.30
C ASN A 31 7.77 13.19 -20.27
N SER A 32 6.92 12.66 -21.16
N SER A 32 6.93 12.65 -21.17
CA SER A 32 7.33 11.63 -22.12
CA SER A 32 7.38 11.64 -22.10
C SER A 32 7.98 12.21 -23.37
C SER A 32 7.99 12.22 -23.37
N HIS A 33 8.19 13.53 -23.40
CA HIS A 33 8.84 14.21 -24.50
C HIS A 33 10.07 14.98 -24.04
N GLY A 34 10.75 14.42 -23.02
CA GLY A 34 12.11 14.82 -22.68
C GLY A 34 12.21 16.16 -21.92
N GLN A 35 11.11 16.63 -21.30
CA GLN A 35 11.18 17.90 -20.59
C GLN A 35 10.95 17.67 -19.10
N GLU A 36 11.71 18.38 -18.25
CA GLU A 36 11.41 18.22 -16.83
C GLU A 36 10.05 18.83 -16.51
N ILE A 37 9.32 18.16 -15.61
CA ILE A 37 8.08 18.71 -15.08
C ILE A 37 8.12 18.61 -13.55
N SER A 38 7.33 19.45 -12.88
CA SER A 38 7.07 19.22 -11.46
C SER A 38 5.72 19.81 -11.12
N GLY A 39 5.14 19.43 -9.99
CA GLY A 39 3.93 20.09 -9.59
C GLY A 39 3.36 19.42 -8.36
N TYR A 40 2.22 19.94 -7.92
CA TYR A 40 1.67 19.57 -6.63
C TYR A 40 0.26 19.07 -6.86
N ILE A 41 0.00 17.88 -6.29
CA ILE A 41 -1.18 17.13 -6.65
C ILE A 41 -2.08 17.04 -5.43
N ASP A 42 -3.35 17.40 -5.61
CA ASP A 42 -4.32 17.24 -4.52
C ASP A 42 -4.79 15.79 -4.51
N TYR A 43 -4.26 14.98 -3.58
CA TYR A 43 -4.46 13.54 -3.65
C TYR A 43 -5.93 13.21 -3.45
N ALA A 44 -6.60 13.83 -2.47
CA ALA A 44 -8.00 13.52 -2.22
C ALA A 44 -8.85 13.81 -3.47
N HIS A 45 -8.58 14.95 -4.14
CA HIS A 45 -9.41 15.25 -5.31
C HIS A 45 -9.13 14.29 -6.46
N ARG A 46 -7.86 13.93 -6.67
CA ARG A 46 -7.57 12.93 -7.69
C ARG A 46 -8.30 11.61 -7.39
N LEU A 47 -8.35 11.21 -6.12
CA LEU A 47 -8.99 9.95 -5.75
C LEU A 47 -10.46 9.95 -6.13
N LYS A 48 -11.07 11.14 -6.03
CA LYS A 48 -12.50 11.33 -6.17
C LYS A 48 -12.89 11.27 -7.64
N THR A 49 -11.93 11.59 -8.52
CA THR A 49 -12.18 11.78 -9.94
C THR A 49 -11.58 10.66 -10.81
N GLU A 50 -10.69 9.86 -10.27
CA GLU A 50 -10.00 8.83 -11.03
C GLU A 50 -10.02 7.52 -10.26
N ASP A 51 -10.15 6.41 -11.00
CA ASP A 51 -9.97 5.10 -10.42
C ASP A 51 -8.47 4.85 -10.25
N PHE A 52 -8.02 4.87 -9.00
CA PHE A 52 -6.59 4.75 -8.67
C PHE A 52 -6.04 3.35 -8.92
N GLU A 53 -6.90 2.36 -9.26
CA GLU A 53 -6.36 1.06 -9.64
C GLU A 53 -5.30 1.22 -10.75
N VAL A 54 -5.54 2.17 -11.67
CA VAL A 54 -4.63 2.35 -12.80
C VAL A 54 -3.22 2.62 -12.32
N TYR A 55 -3.10 3.35 -11.19
CA TYR A 55 -1.79 3.74 -10.66
C TYR A 55 -1.21 2.62 -9.79
N PHE A 56 -2.06 2.05 -8.92
CA PHE A 56 -1.66 0.97 -7.99
C PHE A 56 -1.12 -0.26 -8.73
N THR A 57 -1.66 -0.53 -9.93
CA THR A 57 -1.27 -1.67 -10.74
C THR A 57 -0.19 -1.30 -11.74
N GLY A 58 0.23 -0.05 -11.81
CA GLY A 58 1.34 0.32 -12.67
C GLY A 58 0.94 0.41 -14.14
N LYS A 59 -0.36 0.52 -14.41
CA LYS A 59 -0.82 0.78 -15.78
C LYS A 59 -0.49 2.19 -16.26
N LYS A 60 -0.26 3.13 -15.33
CA LYS A 60 0.04 4.53 -15.62
C LYS A 60 0.82 5.05 -14.40
N ARG A 61 1.72 6.00 -14.61
CA ARG A 61 2.42 6.67 -13.54
C ARG A 61 1.65 7.93 -13.16
N LEU A 62 1.49 8.16 -11.85
CA LEU A 62 0.97 9.44 -11.40
C LEU A 62 1.99 10.53 -11.78
N LEU A 63 1.54 11.61 -12.44
CA LEU A 63 2.40 12.73 -12.78
C LEU A 63 1.61 14.02 -12.57
N PRO A 64 2.29 15.13 -12.24
CA PRO A 64 1.59 16.41 -12.12
C PRO A 64 1.20 16.89 -13.51
N ARG A 65 0.14 17.72 -13.52
CA ARG A 65 -0.48 18.21 -14.75
C ARG A 65 -0.74 19.70 -14.57
N PRO A 66 -0.90 20.46 -15.68
CA PRO A 66 -1.32 21.87 -15.56
C PRO A 66 -2.62 22.12 -14.80
N THR A 67 -3.49 21.11 -14.68
CA THR A 67 -4.76 21.26 -14.00
C THR A 67 -4.63 20.93 -12.51
N ASP A 68 -3.42 20.57 -12.03
CA ASP A 68 -3.21 20.29 -10.61
C ASP A 68 -3.06 21.57 -9.81
N ILE A 69 -2.75 21.47 -8.49
CA ILE A 69 -2.68 22.69 -7.68
C ILE A 69 -1.75 23.73 -8.30
N SER A 70 -0.52 23.30 -8.61
CA SER A 70 0.38 24.15 -9.39
C SER A 70 1.27 23.22 -10.23
N PHE A 71 1.87 23.77 -11.29
CA PHE A 71 2.55 22.89 -12.24
C PHE A 71 3.64 23.69 -12.95
N TYR A 72 4.79 23.05 -13.20
CA TYR A 72 5.92 23.71 -13.87
C TYR A 72 6.46 22.81 -14.97
N ASN A 73 6.74 23.41 -16.13
CA ASN A 73 7.57 22.78 -17.15
C ASN A 73 8.50 23.87 -17.66
N TRP A 74 9.72 23.91 -17.11
CA TRP A 74 10.60 25.04 -17.42
C TRP A 74 10.99 25.08 -18.90
N ASP A 75 11.28 23.89 -19.46
CA ASP A 75 11.68 23.80 -20.86
C ASP A 75 10.61 24.37 -21.78
N ALA A 76 9.36 24.20 -21.39
CA ALA A 76 8.20 24.64 -22.15
C ALA A 76 7.74 26.04 -21.76
N ASP A 77 8.40 26.67 -20.78
CA ASP A 77 8.01 28.00 -20.30
C ASP A 77 6.59 27.97 -19.73
N ILE A 78 6.27 26.92 -18.96
CA ILE A 78 4.97 26.78 -18.32
C ILE A 78 5.17 26.85 -16.82
N ALA A 79 4.36 27.71 -16.19
CA ALA A 79 4.29 27.78 -14.72
C ALA A 79 2.91 28.30 -14.41
N VAL A 80 2.09 27.45 -13.76
CA VAL A 80 0.69 27.78 -13.55
C VAL A 80 0.31 27.39 -12.12
N SER A 81 -0.66 28.16 -11.57
CA SER A 81 -1.16 27.91 -10.23
C SER A 81 -2.68 27.93 -10.31
N ASN A 82 -3.31 26.79 -10.59
CA ASN A 82 -4.74 26.75 -10.81
C ASN A 82 -5.49 26.51 -9.51
N SER A 83 -4.77 26.19 -8.43
CA SER A 83 -5.41 25.78 -7.17
C SER A 83 -6.24 24.51 -7.36
N SER A 84 -7.00 24.10 -6.31
CA SER A 84 -7.71 22.84 -6.39
C SER A 84 -8.91 22.89 -5.44
N PRO A 85 -9.80 21.87 -5.41
CA PRO A 85 -10.94 21.93 -4.50
C PRO A 85 -10.56 22.08 -3.04
N ASN A 86 -9.36 21.60 -2.65
CA ASN A 86 -9.00 21.56 -1.24
C ASN A 86 -7.92 22.57 -0.86
N TYR A 87 -7.27 23.16 -1.88
CA TYR A 87 -6.13 24.03 -1.63
C TYR A 87 -6.20 25.28 -2.50
N GLN A 88 -5.95 26.43 -1.86
CA GLN A 88 -5.74 27.67 -2.63
C GLN A 88 -4.25 28.03 -2.62
N VAL A 89 -3.69 28.36 -3.79
CA VAL A 89 -2.33 28.90 -3.83
C VAL A 89 -2.37 30.35 -3.34
N ILE A 90 -1.67 30.64 -2.22
CA ILE A 90 -1.87 31.95 -1.59
C ILE A 90 -0.63 32.84 -1.68
N ALA A 91 0.53 32.25 -2.04
CA ALA A 91 1.76 33.03 -2.14
C ALA A 91 2.80 32.22 -2.89
N ASP A 92 3.71 32.91 -3.57
CA ASP A 92 4.84 32.24 -4.17
C ASP A 92 6.00 33.23 -4.23
N ASN A 93 6.87 33.23 -3.22
CA ASN A 93 7.99 34.17 -3.15
C ASN A 93 9.15 33.54 -2.36
N PRO A 94 10.28 34.26 -2.12
CA PRO A 94 11.42 33.66 -1.42
C PRO A 94 11.13 33.07 -0.03
N GLU A 95 10.05 33.53 0.61
CA GLU A 95 9.69 33.09 1.96
C GLU A 95 8.96 31.75 1.90
N GLY A 96 8.44 31.40 0.73
CA GLY A 96 7.80 30.10 0.57
C GLY A 96 6.76 30.11 -0.55
N LEU A 97 6.45 28.91 -1.03
CA LEU A 97 5.31 28.60 -1.86
C LEU A 97 4.22 28.13 -0.91
N LEU A 98 3.16 28.94 -0.77
CA LEU A 98 2.23 28.74 0.32
C LEU A 98 0.88 28.36 -0.28
N PHE A 99 0.29 27.27 0.24
CA PHE A 99 -1.08 26.90 -0.06
C PHE A 99 -1.92 27.07 1.21
N ARG A 100 -3.21 27.34 1.06
CA ARG A 100 -4.10 27.31 2.20
C ARG A 100 -5.06 26.14 2.05
N TYR A 101 -5.18 25.30 3.10
CA TYR A 101 -6.14 24.23 3.14
C TYR A 101 -7.49 24.90 3.41
N LYS A 102 -8.39 24.78 2.45
CA LYS A 102 -9.58 25.64 2.47
C LYS A 102 -10.49 25.32 3.65
N ARG A 103 -10.61 24.05 4.06
CA ARG A 103 -11.53 23.67 5.11
C ARG A 103 -11.18 24.32 6.46
N ASP A 104 -9.90 24.36 6.86
CA ASP A 104 -9.45 24.77 8.20
C ASP A 104 -8.70 26.11 8.12
N ARG A 105 -8.46 26.62 6.90
CA ARG A 105 -7.73 27.85 6.57
C ARG A 105 -6.26 27.83 7.03
N LYS A 106 -5.71 26.64 7.36
CA LYS A 106 -4.32 26.57 7.79
C LYS A 106 -3.40 26.65 6.55
N ILE A 107 -2.21 27.25 6.76
CA ILE A 107 -1.25 27.49 5.68
C ILE A 107 -0.24 26.34 5.65
N LEU A 108 0.04 25.86 4.44
CA LEU A 108 1.06 24.86 4.18
CA LEU A 108 1.05 24.85 4.17
C LEU A 108 2.17 25.54 3.37
N ASN A 109 3.42 25.40 3.83
CA ASN A 109 4.57 25.78 3.01
C ASN A 109 5.00 24.51 2.29
N VAL A 110 4.91 24.51 0.95
CA VAL A 110 5.08 23.27 0.19
C VAL A 110 6.37 23.24 -0.63
N ASP A 111 7.32 24.13 -0.30
CA ASP A 111 8.66 23.92 -0.81
C ASP A 111 9.12 22.52 -0.44
N PRO A 112 9.81 21.75 -1.34
CA PRO A 112 10.14 20.36 -1.03
C PRO A 112 10.94 20.06 0.24
N LYS A 113 11.61 21.08 0.78
CA LYS A 113 12.36 20.96 2.03
C LYS A 113 11.72 21.83 3.12
N ALA A 114 10.50 22.30 2.92
CA ALA A 114 9.97 23.28 3.88
C ALA A 114 9.56 22.68 5.22
N GLN A 115 9.57 23.55 6.23
CA GLN A 115 8.82 23.32 7.46
C GLN A 115 7.35 23.55 7.10
N PRO A 116 6.50 22.49 7.12
CA PRO A 116 5.23 22.53 6.41
C PRO A 116 4.08 23.36 6.95
N GLY A 117 4.00 23.48 8.27
CA GLY A 117 2.93 24.28 8.86
C GLY A 117 2.12 23.47 9.88
N ASP A 118 1.18 24.15 10.57
CA ASP A 118 0.45 23.53 11.66
C ASP A 118 -0.34 22.34 11.12
N ASN A 119 -0.21 21.23 11.84
CA ASN A 119 -0.92 20.00 11.56
C ASN A 119 -0.55 19.45 10.20
N SER A 120 0.63 19.85 9.67
CA SER A 120 1.17 19.25 8.47
C SER A 120 2.50 18.57 8.75
N THR A 121 2.77 17.48 8.03
CA THR A 121 4.09 16.86 8.00
C THR A 121 4.54 16.77 6.56
N ARG A 122 5.87 16.67 6.38
CA ARG A 122 6.52 16.49 5.08
C ARG A 122 7.41 15.27 5.11
N ILE A 123 7.29 14.41 4.07
CA ILE A 123 8.21 13.29 4.03
C ILE A 123 8.68 13.06 2.60
N THR A 124 9.99 13.00 2.45
CA THR A 124 10.58 12.61 1.19
C THR A 124 10.40 11.10 1.02
N ILE A 125 9.89 10.68 -0.14
CA ILE A 125 9.74 9.27 -0.46
C ILE A 125 10.93 8.86 -1.32
N LEU A 126 11.64 7.83 -0.90
CA LEU A 126 12.72 7.31 -1.75
C LEU A 126 12.07 6.35 -2.73
N THR A 127 12.12 6.68 -4.01
CA THR A 127 11.44 5.88 -5.01
C THR A 127 12.24 5.94 -6.32
N GLU A 128 12.26 4.82 -7.03
CA GLU A 128 12.85 4.79 -8.36
C GLU A 128 11.88 5.32 -9.42
N LEU A 129 10.64 5.64 -9.01
N LEU A 129 10.64 5.64 -9.01
CA LEU A 129 9.60 6.08 -9.94
CA LEU A 129 9.63 6.08 -9.95
C LEU A 129 9.86 7.51 -10.41
C LEU A 129 9.88 7.52 -10.43
N TYR A 130 10.53 8.31 -9.58
CA TYR A 130 10.62 9.75 -9.85
C TYR A 130 11.94 10.31 -9.39
N VAL A 131 12.38 11.40 -10.05
CA VAL A 131 13.55 12.12 -9.59
C VAL A 131 13.38 12.61 -8.15
N GLN A 132 12.19 13.18 -7.82
CA GLN A 132 11.93 13.57 -6.44
C GLN A 132 10.43 13.43 -6.16
N ALA A 133 10.11 12.87 -4.99
CA ALA A 133 8.71 12.77 -4.60
C ALA A 133 8.67 13.11 -3.12
N VAL A 134 7.75 14.01 -2.78
CA VAL A 134 7.57 14.50 -1.44
C VAL A 134 6.08 14.52 -1.16
N ILE A 135 5.69 13.98 0.01
CA ILE A 135 4.29 13.99 0.40
C ILE A 135 4.10 14.89 1.62
N PHE A 136 3.16 15.82 1.51
CA PHE A 136 2.74 16.65 2.61
C PHE A 136 1.41 16.12 3.08
N ASP A 137 1.32 15.85 4.39
CA ASP A 137 0.11 15.31 4.98
C ASP A 137 -0.47 16.31 5.96
N HIS A 138 -1.71 16.72 5.69
CA HIS A 138 -2.38 17.69 6.56
C HIS A 138 -3.50 16.98 7.31
N ILE A 139 -3.43 16.96 8.67
CA ILE A 139 -4.52 16.37 9.43
C ILE A 139 -5.48 17.49 9.79
N SER A 140 -6.70 17.40 9.22
CA SER A 140 -7.70 18.45 9.29
C SER A 140 -8.13 18.71 10.74
N SER B 1 -11.44 -0.22 -9.53
CA SER B 1 -10.95 0.00 -8.13
C SER B 1 -10.44 -1.32 -7.58
N MET B 2 -9.36 -1.24 -6.77
CA MET B 2 -8.68 -2.45 -6.35
C MET B 2 -9.19 -2.87 -4.98
N ASP B 3 -9.60 -4.14 -4.84
CA ASP B 3 -10.02 -4.69 -3.55
C ASP B 3 -8.96 -4.45 -2.46
N ASN B 4 -9.37 -4.09 -1.24
CA ASN B 4 -8.41 -3.86 -0.16
C ASN B 4 -7.45 -5.05 0.01
N PHE B 5 -7.94 -6.29 -0.20
CA PHE B 5 -7.06 -7.44 -0.07
C PHE B 5 -5.94 -7.41 -1.11
N LEU B 6 -6.28 -7.16 -2.37
CA LEU B 6 -5.21 -7.13 -3.37
C LEU B 6 -4.27 -5.94 -3.17
N THR B 7 -4.80 -4.81 -2.71
CA THR B 7 -3.92 -3.70 -2.38
C THR B 7 -2.94 -4.10 -1.27
N ALA B 8 -3.46 -4.76 -0.23
CA ALA B 8 -2.63 -5.25 0.87
C ALA B 8 -1.49 -6.14 0.35
N LEU B 9 -1.80 -7.03 -0.60
N LEU B 9 -1.81 -6.99 -0.64
CA LEU B 9 -0.78 -7.91 -1.13
CA LEU B 9 -0.82 -7.91 -1.19
C LEU B 9 0.20 -7.11 -2.00
C LEU B 9 0.18 -7.15 -2.06
N ALA B 10 -0.34 -6.14 -2.77
CA ALA B 10 0.50 -5.35 -3.66
C ALA B 10 1.50 -4.54 -2.86
N MET B 11 1.08 -4.04 -1.69
CA MET B 11 1.92 -3.20 -0.85
C MET B 11 3.08 -4.02 -0.25
N ARG B 12 2.92 -5.34 -0.19
CA ARG B 12 3.87 -6.21 0.49
C ARG B 12 4.72 -7.02 -0.49
N GLU B 13 4.45 -6.91 -1.80
CA GLU B 13 5.06 -7.79 -2.79
C GLU B 13 6.58 -7.65 -2.81
N GLU B 14 7.07 -6.40 -3.00
CA GLU B 14 8.50 -6.20 -3.18
C GLU B 14 9.27 -6.66 -1.95
N ASP B 15 8.76 -6.32 -0.77
CA ASP B 15 9.46 -6.66 0.47
C ASP B 15 9.41 -8.18 0.72
N ASN B 16 8.34 -8.88 0.29
CA ASN B 16 8.35 -10.33 0.43
C ASN B 16 9.39 -10.95 -0.52
N ARG B 17 9.47 -10.44 -1.77
CA ARG B 17 10.44 -10.99 -2.70
C ARG B 17 11.87 -10.80 -2.23
N SER B 18 12.16 -9.66 -1.61
CA SER B 18 13.51 -9.31 -1.19
C SER B 18 13.89 -9.97 0.13
N GLY B 19 12.89 -10.44 0.90
CA GLY B 19 13.19 -10.95 2.23
C GLY B 19 13.23 -9.86 3.32
N LYS B 20 12.93 -8.61 2.98
CA LYS B 20 12.87 -7.57 3.99
C LYS B 20 11.72 -7.86 4.96
N LEU B 21 10.62 -8.39 4.38
CA LEU B 21 9.42 -8.82 5.12
C LEU B 21 9.05 -10.23 4.68
N SER B 22 8.47 -11.00 5.60
CA SER B 22 7.88 -12.26 5.24
C SER B 22 6.46 -12.30 5.78
N SER B 23 5.48 -12.46 4.89
CA SER B 23 4.08 -12.35 5.29
C SER B 23 3.46 -13.74 5.25
N VAL B 24 2.61 -14.00 6.26
CA VAL B 24 1.76 -15.20 6.24
C VAL B 24 0.33 -14.69 6.08
N ILE B 25 -0.39 -15.23 5.08
N ILE B 25 -0.36 -15.24 5.09
CA ILE B 25 -1.76 -14.81 4.82
CA ILE B 25 -1.73 -14.85 4.83
C ILE B 25 -2.69 -15.89 5.32
C ILE B 25 -2.63 -15.94 5.40
N PHE B 26 -3.56 -15.51 6.26
CA PHE B 26 -4.64 -16.38 6.70
C PHE B 26 -5.91 -16.02 5.95
N ILE B 27 -6.51 -17.05 5.33
CA ILE B 27 -7.81 -16.87 4.71
C ILE B 27 -8.74 -17.96 5.22
N ARG B 28 -9.96 -17.54 5.62
CA ARG B 28 -11.05 -18.46 5.86
C ARG B 28 -12.13 -18.12 4.84
N ASP B 29 -12.57 -19.15 4.12
CA ASP B 29 -13.57 -18.92 3.08
C ASP B 29 -14.25 -20.24 2.74
N ARG B 30 -14.50 -20.45 1.44
CA ARG B 30 -15.10 -21.70 1.02
C ARG B 30 -14.41 -22.17 -0.25
N ASN B 31 -14.42 -23.47 -0.47
CA ASN B 31 -14.01 -23.98 -1.79
C ASN B 31 -15.21 -23.80 -2.75
N SER B 32 -15.04 -24.27 -3.99
CA SER B 32 -16.10 -24.11 -5.00
C SER B 32 -17.16 -25.22 -4.95
N HIS B 33 -17.08 -26.08 -3.93
CA HIS B 33 -18.03 -27.18 -3.74
C HIS B 33 -18.66 -27.10 -2.36
N GLY B 34 -18.85 -25.87 -1.86
CA GLY B 34 -19.80 -25.64 -0.76
C GLY B 34 -19.21 -25.98 0.62
N GLN B 35 -17.89 -26.11 0.74
CA GLN B 35 -17.27 -26.49 2.01
C GLN B 35 -16.40 -25.37 2.52
N GLU B 36 -16.51 -25.03 3.81
CA GLU B 36 -15.57 -24.05 4.35
C GLU B 36 -14.14 -24.58 4.30
N ILE B 37 -13.21 -23.66 3.98
CA ILE B 37 -11.79 -23.95 4.03
C ILE B 37 -11.09 -22.80 4.79
N SER B 38 -9.94 -23.12 5.37
CA SER B 38 -9.06 -22.03 5.83
C SER B 38 -7.61 -22.50 5.75
N GLY B 39 -6.66 -21.57 5.79
CA GLY B 39 -5.30 -22.02 5.90
C GLY B 39 -4.35 -20.83 5.89
N TYR B 40 -3.06 -21.14 5.92
CA TYR B 40 -2.05 -20.12 6.10
C TYR B 40 -1.09 -20.25 4.93
N ILE B 41 -0.86 -19.10 4.29
CA ILE B 41 -0.17 -19.08 3.02
C ILE B 41 1.17 -18.36 3.20
N ASP B 42 2.24 -19.02 2.75
CA ASP B 42 3.56 -18.37 2.75
C ASP B 42 3.67 -17.45 1.54
N TYR B 43 3.46 -16.14 1.76
CA TYR B 43 3.32 -15.24 0.61
C TYR B 43 4.61 -15.20 -0.20
N ALA B 44 5.77 -15.08 0.45
CA ALA B 44 7.03 -14.96 -0.32
C ALA B 44 7.21 -16.20 -1.18
N HIS B 45 6.89 -17.39 -0.65
CA HIS B 45 7.11 -18.59 -1.47
C HIS B 45 6.11 -18.64 -2.63
N ARG B 46 4.84 -18.25 -2.40
CA ARG B 46 3.88 -18.21 -3.50
C ARG B 46 4.37 -17.27 -4.60
N LEU B 47 4.91 -16.11 -4.22
CA LEU B 47 5.37 -15.13 -5.20
C LEU B 47 6.47 -15.70 -6.09
N LYS B 48 7.29 -16.57 -5.48
CA LYS B 48 8.51 -17.13 -6.10
C LYS B 48 8.12 -18.15 -7.15
N THR B 49 6.94 -18.78 -6.97
CA THR B 49 6.54 -19.96 -7.71
C THR B 49 5.35 -19.73 -8.65
N GLU B 50 4.59 -18.64 -8.47
CA GLU B 50 3.42 -18.38 -9.29
CA GLU B 50 3.38 -18.37 -9.25
C GLU B 50 3.51 -16.97 -9.85
N ASP B 51 3.01 -16.81 -11.08
CA ASP B 51 2.89 -15.47 -11.65
C ASP B 51 1.67 -14.79 -11.01
N PHE B 52 1.92 -13.82 -10.12
CA PHE B 52 0.86 -13.17 -9.34
C PHE B 52 -0.05 -12.26 -10.17
N GLU B 53 0.30 -12.03 -11.43
CA GLU B 53 -0.61 -11.30 -12.31
C GLU B 53 -2.00 -11.95 -12.30
N VAL B 54 -2.06 -13.29 -12.20
CA VAL B 54 -3.35 -13.98 -12.23
C VAL B 54 -4.26 -13.47 -11.11
N TYR B 55 -3.67 -13.10 -9.96
CA TYR B 55 -4.43 -12.68 -8.80
C TYR B 55 -4.73 -11.18 -8.88
N PHE B 56 -3.70 -10.40 -9.26
CA PHE B 56 -3.81 -8.94 -9.34
C PHE B 56 -4.83 -8.48 -10.40
N THR B 57 -5.01 -9.28 -11.45
CA THR B 57 -5.95 -8.99 -12.52
C THR B 57 -7.30 -9.65 -12.25
N GLY B 58 -7.43 -10.45 -11.20
CA GLY B 58 -8.73 -10.99 -10.83
C GLY B 58 -9.10 -12.20 -11.69
N LYS B 59 -8.13 -12.82 -12.37
CA LYS B 59 -8.39 -14.06 -13.09
C LYS B 59 -8.59 -15.26 -12.17
N LYS B 60 -8.13 -15.17 -10.90
CA LYS B 60 -8.25 -16.25 -9.93
C LYS B 60 -8.19 -15.58 -8.57
N ARG B 61 -8.86 -16.18 -7.57
CA ARG B 61 -8.79 -15.73 -6.20
C ARG B 61 -7.68 -16.51 -5.52
N LEU B 62 -6.85 -15.82 -4.72
CA LEU B 62 -5.90 -16.52 -3.87
C LEU B 62 -6.71 -17.33 -2.83
N LEU B 63 -6.42 -18.65 -2.67
CA LEU B 63 -7.08 -19.47 -1.67
C LEU B 63 -6.06 -20.38 -1.01
N PRO B 64 -6.22 -20.76 0.27
CA PRO B 64 -5.30 -21.70 0.91
C PRO B 64 -5.53 -23.07 0.27
N ARG B 65 -4.47 -23.89 0.26
CA ARG B 65 -4.45 -25.20 -0.35
C ARG B 65 -3.83 -26.17 0.63
N PRO B 66 -4.07 -27.50 0.48
CA PRO B 66 -3.37 -28.50 1.31
C PRO B 66 -1.84 -28.42 1.32
N THR B 67 -1.24 -27.86 0.26
CA THR B 67 0.20 -27.75 0.16
C THR B 67 0.74 -26.48 0.81
N ASP B 68 -0.14 -25.63 1.38
CA ASP B 68 0.32 -24.43 2.08
C ASP B 68 0.84 -24.74 3.48
N ILE B 69 1.17 -23.70 4.29
CA ILE B 69 1.81 -23.95 5.58
C ILE B 69 0.92 -24.90 6.42
N SER B 70 -0.35 -24.54 6.55
CA SER B 70 -1.31 -25.47 7.11
C SER B 70 -2.67 -25.23 6.42
N PHE B 71 -3.59 -26.18 6.52
CA PHE B 71 -4.81 -26.11 5.71
C PHE B 71 -5.91 -26.91 6.39
N TYR B 72 -7.15 -26.37 6.37
CA TYR B 72 -8.26 -27.04 7.04
C TYR B 72 -9.47 -27.06 6.12
N ASN B 73 -10.15 -28.21 6.06
CA ASN B 73 -11.46 -28.30 5.46
C ASN B 73 -12.26 -29.20 6.39
N TRP B 74 -13.01 -28.58 7.30
CA TRP B 74 -13.69 -29.36 8.32
C TRP B 74 -14.70 -30.35 7.74
N ASP B 75 -15.49 -29.87 6.77
CA ASP B 75 -16.56 -30.68 6.17
C ASP B 75 -15.96 -31.92 5.55
N ALA B 76 -14.76 -31.80 5.04
CA ALA B 76 -14.07 -32.90 4.36
C ALA B 76 -13.15 -33.70 5.30
N ASP B 77 -13.13 -33.34 6.60
CA ASP B 77 -12.26 -33.98 7.58
C ASP B 77 -10.78 -33.90 7.15
N ILE B 78 -10.38 -32.71 6.67
CA ILE B 78 -8.99 -32.46 6.31
C ILE B 78 -8.42 -31.42 7.27
N ALA B 79 -7.25 -31.73 7.82
CA ALA B 79 -6.48 -30.78 8.63
C ALA B 79 -5.03 -31.21 8.50
N VAL B 80 -4.21 -30.37 7.85
CA VAL B 80 -2.84 -30.76 7.53
C VAL B 80 -1.91 -29.59 7.85
N SER B 81 -0.67 -29.93 8.23
CA SER B 81 0.35 -28.96 8.57
C SER B 81 1.63 -29.37 7.84
N ASN B 82 1.81 -28.87 6.62
CA ASN B 82 2.91 -29.34 5.79
C ASN B 82 4.15 -28.47 6.00
N SER B 83 4.01 -27.33 6.68
CA SER B 83 5.05 -26.32 6.75
C SER B 83 5.38 -25.77 5.36
N SER B 84 6.42 -24.92 5.27
CA SER B 84 6.73 -24.27 3.98
C SER B 84 8.21 -23.92 3.95
N PRO B 85 8.75 -23.36 2.84
CA PRO B 85 10.16 -23.01 2.81
C PRO B 85 10.58 -22.00 3.87
N ASN B 86 9.65 -21.13 4.31
CA ASN B 86 10.03 -20.07 5.24
C ASN B 86 9.54 -20.31 6.67
N TYR B 87 8.61 -21.25 6.84
CA TYR B 87 7.96 -21.44 8.12
C TYR B 87 7.92 -22.92 8.49
N GLN B 88 8.28 -23.20 9.75
CA GLN B 88 7.99 -24.52 10.31
C GLN B 88 6.81 -24.43 11.30
N VAL B 89 5.85 -25.36 11.20
CA VAL B 89 4.76 -25.45 12.17
C VAL B 89 5.34 -26.10 13.41
N ILE B 90 5.36 -25.38 14.54
CA ILE B 90 6.10 -25.87 15.72
C ILE B 90 5.20 -26.26 16.88
N ALA B 91 3.92 -25.84 16.86
CA ALA B 91 2.99 -26.20 17.91
C ALA B 91 1.57 -25.95 17.44
N ASP B 92 0.63 -26.74 17.97
CA ASP B 92 -0.77 -26.45 17.74
C ASP B 92 -1.56 -26.93 18.95
N ASN B 93 -1.81 -26.04 19.92
CA ASN B 93 -2.56 -26.41 21.12
C ASN B 93 -3.32 -25.18 21.65
N PRO B 94 -4.04 -25.26 22.81
CA PRO B 94 -4.79 -24.13 23.32
C PRO B 94 -4.01 -22.82 23.54
N GLU B 95 -2.68 -22.91 23.68
CA GLU B 95 -1.83 -21.75 23.92
C GLU B 95 -1.50 -21.03 22.60
N GLY B 96 -1.74 -21.71 21.48
CA GLY B 96 -1.59 -21.07 20.18
C GLY B 96 -1.20 -22.06 19.08
N LEU B 97 -1.44 -21.63 17.84
CA LEU B 97 -0.89 -22.24 16.63
C LEU B 97 0.38 -21.48 16.32
N LEU B 98 1.55 -22.16 16.45
CA LEU B 98 2.81 -21.45 16.43
C LEU B 98 3.59 -21.89 15.20
N PHE B 99 4.08 -20.91 14.43
CA PHE B 99 5.02 -21.16 13.34
C PHE B 99 6.36 -20.56 13.72
N ARG B 100 7.45 -21.13 13.23
CA ARG B 100 8.76 -20.52 13.41
C ARG B 100 9.28 -20.04 12.06
N TYR B 101 9.70 -18.75 12.00
CA TYR B 101 10.35 -18.25 10.81
C TYR B 101 11.76 -18.82 10.78
N LYS B 102 12.03 -19.62 9.75
CA LYS B 102 13.23 -20.44 9.77
C LYS B 102 14.51 -19.61 9.79
N ARG B 103 14.52 -18.45 9.08
CA ARG B 103 15.72 -17.66 8.95
C ARG B 103 16.21 -17.12 10.30
N ASP B 104 15.31 -16.58 11.16
CA ASP B 104 15.68 -15.83 12.37
C ASP B 104 15.28 -16.64 13.62
N ARG B 105 14.58 -17.77 13.44
CA ARG B 105 14.06 -18.68 14.46
C ARG B 105 13.02 -18.03 15.36
N LYS B 106 12.47 -16.86 14.97
CA LYS B 106 11.45 -16.23 15.82
C LYS B 106 10.10 -16.94 15.64
N ILE B 107 9.31 -16.93 16.72
CA ILE B 107 8.03 -17.65 16.76
C ILE B 107 6.91 -16.66 16.47
N LEU B 108 5.99 -17.10 15.60
CA LEU B 108 4.76 -16.35 15.30
C LEU B 108 3.58 -17.14 15.85
N ASN B 109 2.71 -16.48 16.62
CA ASN B 109 1.44 -17.08 16.98
C ASN B 109 0.42 -16.62 15.93
N VAL B 110 -0.13 -17.54 15.16
CA VAL B 110 -0.89 -17.23 13.96
C VAL B 110 -2.38 -17.50 14.12
N ASP B 111 -2.84 -17.67 15.37
CA ASP B 111 -4.26 -17.60 15.57
C ASP B 111 -4.76 -16.24 15.02
N PRO B 112 -5.94 -16.18 14.35
CA PRO B 112 -6.36 -14.94 13.67
C PRO B 112 -6.49 -13.68 14.54
N LYS B 113 -6.59 -13.85 15.87
CA LYS B 113 -6.66 -12.73 16.78
C LYS B 113 -5.44 -12.71 17.71
N ALA B 114 -4.39 -13.47 17.39
CA ALA B 114 -3.29 -13.61 18.37
C ALA B 114 -2.41 -12.35 18.45
N GLN B 115 -1.78 -12.18 19.61
CA GLN B 115 -0.58 -11.37 19.72
C GLN B 115 0.54 -12.11 18.96
N PRO B 116 1.04 -11.53 17.84
CA PRO B 116 1.79 -12.33 16.86
C PRO B 116 3.20 -12.79 17.18
N GLY B 117 3.94 -11.99 17.96
CA GLY B 117 5.29 -12.35 18.35
C GLY B 117 6.32 -11.31 17.94
N ASP B 118 7.57 -11.53 18.38
CA ASP B 118 8.66 -10.59 18.17
C ASP B 118 8.83 -10.26 16.70
N ASN B 119 8.84 -8.96 16.40
CA ASN B 119 9.03 -8.45 15.05
C ASN B 119 7.94 -8.93 14.10
N SER B 120 6.77 -9.29 14.65
CA SER B 120 5.61 -9.57 13.82
C SER B 120 4.46 -8.61 14.10
N THR B 121 3.64 -8.32 13.07
CA THR B 121 2.39 -7.60 13.26
C THR B 121 1.28 -8.43 12.65
N ARG B 122 0.04 -8.15 13.10
CA ARG B 122 -1.16 -8.84 12.60
C ARG B 122 -2.19 -7.78 12.22
N ILE B 123 -2.79 -7.92 11.01
CA ILE B 123 -3.85 -6.99 10.68
C ILE B 123 -4.96 -7.74 9.95
N THR B 124 -6.17 -7.46 10.40
CA THR B 124 -7.34 -7.93 9.68
C THR B 124 -7.57 -7.05 8.44
N ILE B 125 -7.76 -7.69 7.28
CA ILE B 125 -8.09 -6.99 6.05
C ILE B 125 -9.61 -7.03 5.84
N LEU B 126 -10.24 -5.85 5.71
CA LEU B 126 -11.66 -5.86 5.45
C LEU B 126 -11.83 -6.02 3.95
N THR B 127 -12.45 -7.13 3.53
CA THR B 127 -12.57 -7.44 2.12
C THR B 127 -13.85 -8.23 1.89
N GLU B 128 -14.49 -7.96 0.76
CA GLU B 128 -15.65 -8.75 0.34
C GLU B 128 -15.22 -10.04 -0.34
N LEU B 129 -13.90 -10.21 -0.56
CA LEU B 129 -13.39 -11.40 -1.24
C LEU B 129 -13.46 -12.63 -0.36
N TYR B 130 -13.43 -12.45 0.97
CA TYR B 130 -13.32 -13.62 1.84
C TYR B 130 -14.10 -13.41 3.12
N VAL B 131 -14.55 -14.51 3.73
CA VAL B 131 -15.18 -14.44 5.04
C VAL B 131 -14.23 -13.82 6.07
N GLN B 132 -12.95 -14.22 6.08
CA GLN B 132 -11.95 -13.60 6.94
C GLN B 132 -10.58 -13.63 6.28
N ALA B 133 -9.85 -12.51 6.37
CA ALA B 133 -8.49 -12.47 5.82
C ALA B 133 -7.67 -11.68 6.83
N VAL B 134 -6.55 -12.28 7.24
CA VAL B 134 -5.66 -11.75 8.22
C VAL B 134 -4.25 -11.91 7.69
N ILE B 135 -3.47 -10.83 7.75
CA ILE B 135 -2.09 -10.87 7.33
C ILE B 135 -1.17 -10.69 8.52
N PHE B 136 -0.20 -11.60 8.62
CA PHE B 136 0.84 -11.51 9.63
C PHE B 136 2.11 -11.12 8.90
N ASP B 137 2.75 -10.03 9.35
CA ASP B 137 3.95 -9.52 8.70
C ASP B 137 5.14 -9.67 9.63
N HIS B 138 6.14 -10.41 9.15
CA HIS B 138 7.34 -10.64 9.97
C HIS B 138 8.51 -9.85 9.42
N ILE B 139 9.08 -8.96 10.25
CA ILE B 139 10.25 -8.16 9.92
C ILE B 139 11.49 -9.01 10.21
N SER B 140 12.21 -9.32 9.14
CA SER B 140 13.45 -10.08 9.22
C SER B 140 14.51 -9.21 9.92
ZN ZN C . 15.17 21.70 -18.53
ZN ZN D . -8.88 2.01 -4.02
ZN ZN E . -3.12 10.97 -16.75
ZN ZN F . -12.91 16.96 -5.58
ZN ZN G . 13.53 25.15 -1.47
ZN ZN H . -13.62 17.48 -8.99
ZN ZN I . -1.32 16.07 12.45
ZN ZN J . 10.36 -20.74 -2.11
ZN ZN K . -17.59 -2.77 0.13
ZN ZN L . -20.27 -5.99 -2.62
ZN ZN M . -14.42 -33.68 -12.24
ZN ZN N . -15.08 -21.49 8.11
#